data_3IEY
#
_entry.id   3IEY
#
_cell.length_a   124.102
_cell.length_b   124.102
_cell.length_c   69.820
_cell.angle_alpha   90.00
_cell.angle_beta   90.00
_cell.angle_gamma   90.00
#
_symmetry.space_group_name_H-M   'I 41'
#
loop_
_entity.id
_entity.type
_entity.pdbx_description
1 polymer 'tRNA-splicing endonuclease'
2 polymer NEQ261
#
loop_
_entity_poly.entity_id
_entity_poly.type
_entity_poly.pdbx_seq_one_letter_code
_entity_poly.pdbx_strand_id
1 'polypeptide(L)'
;MIGYLFGNRVLVDDKELPLIEAYYLLDKGELEVYEDDKKLSKEEFLKKCLTYDERFLIRYKAYKELRDKGYTLGTALKFG
ADFRVYDIGVIPKKGKRSEREHSKWVLYPVSKDETFDFYEFASKNRVAHSTRKKMLMGIVSDKIEFIEVSWKKP
;
A
2 'polypeptide(L)'
;MNLRIPWKEVYYLGYNMGNYIKISEPELLFVLRNKPQIKDRLKLDEKTIIKEGVKKYKNFWEIYYTVKDLILRGYRVRFD
GFFIELYEKGIIPGTIEQDYLVYPVSGEIRMTWGELLDIYNKAIARKSKFMLAIVDSEGDVTYYEFRKLRSNK
;
B
#
# COMPACT_ATOMS: atom_id res chain seq x y z
N ILE A 2 34.53 21.67 7.45
CA ILE A 2 34.51 22.30 6.07
C ILE A 2 33.15 22.98 5.81
N GLY A 3 32.24 22.91 6.83
CA GLY A 3 30.88 23.46 6.68
C GLY A 3 30.52 24.53 7.71
N TYR A 4 29.59 25.46 7.25
CA TYR A 4 29.08 26.52 8.14
C TYR A 4 27.55 26.55 8.19
N LEU A 5 27.02 26.38 9.40
CA LEU A 5 25.58 26.35 9.62
C LEU A 5 24.97 27.75 9.61
N PHE A 6 24.06 27.99 8.66
CA PHE A 6 23.35 29.25 8.56
C PHE A 6 21.87 29.00 8.32
N GLY A 7 21.08 29.08 9.40
CA GLY A 7 19.66 28.80 9.35
C GLY A 7 19.39 27.34 9.01
N ASN A 8 18.65 27.12 7.93
CA ASN A 8 18.35 25.76 7.47
C ASN A 8 19.21 25.30 6.29
N ARG A 9 20.39 25.88 6.14
CA ARG A 9 21.38 25.44 5.15
C ARG A 9 22.77 25.33 5.77
N VAL A 10 23.58 24.42 5.23
CA VAL A 10 25.01 24.36 5.56
C VAL A 10 25.82 24.71 4.31
N LEU A 11 26.62 25.76 4.42
CA LEU A 11 27.45 26.25 3.32
C LEU A 11 28.83 25.62 3.37
N VAL A 12 29.26 25.04 2.25
CA VAL A 12 30.55 24.36 2.20
C VAL A 12 31.55 24.95 1.18
N ASP A 13 31.17 25.01 -0.10
CA ASP A 13 32.08 25.44 -1.15
C ASP A 13 31.35 26.29 -2.19
N GLU A 16 25.06 25.68 -1.39
CA GLU A 16 24.63 25.34 -0.03
C GLU A 16 23.89 24.00 0.03
N LEU A 17 24.00 23.34 1.18
CA LEU A 17 23.44 22.01 1.37
C LEU A 17 22.27 22.04 2.36
N PRO A 18 21.21 21.27 2.07
CA PRO A 18 20.14 21.05 3.05
C PRO A 18 20.65 20.28 4.26
N LEU A 19 19.98 20.46 5.40
CA LEU A 19 20.42 19.89 6.68
C LEU A 19 20.53 18.36 6.67
N ILE A 20 19.68 17.71 5.89
CA ILE A 20 19.68 16.25 5.79
C ILE A 20 20.94 15.72 5.08
N GLU A 21 21.40 16.45 4.07
CA GLU A 21 22.60 16.06 3.32
C GLU A 21 23.88 16.39 4.10
N ALA A 22 23.83 17.46 4.89
CA ALA A 22 24.93 17.84 5.75
C ALA A 22 25.07 16.89 6.94
N TYR A 23 23.94 16.38 7.43
CA TYR A 23 23.95 15.41 8.53
C TYR A 23 24.54 14.08 8.09
N TYR A 24 24.16 13.64 6.90
CA TYR A 24 24.71 12.41 6.30
C TYR A 24 26.24 12.40 6.26
N LEU A 25 26.83 13.49 5.78
CA LEU A 25 28.28 13.61 5.63
C LEU A 25 29.02 13.75 6.96
N LEU A 26 28.39 14.47 7.91
CA LEU A 26 28.90 14.57 9.28
C LEU A 26 28.91 13.21 9.96
N ASP A 27 27.83 12.44 9.75
CA ASP A 27 27.67 11.09 10.32
C ASP A 27 28.62 10.09 9.66
N LYS A 28 28.95 10.34 8.40
CA LYS A 28 29.85 9.46 7.63
C LYS A 28 31.32 9.80 7.92
N GLY A 29 31.59 11.07 8.25
CA GLY A 29 32.92 11.49 8.69
C GLY A 29 33.68 12.41 7.77
N GLU A 30 33.07 12.83 6.66
CA GLU A 30 33.73 13.74 5.72
C GLU A 30 33.25 15.21 5.79
N LEU A 31 32.75 15.62 6.97
CA LEU A 31 32.28 16.98 7.19
C LEU A 31 32.35 17.37 8.66
N GLU A 32 32.84 18.62 8.90
CA GLU A 32 32.73 19.23 10.23
C GLU A 32 31.89 20.50 10.11
N VAL A 33 30.97 20.69 11.05
CA VAL A 33 30.13 21.88 11.08
C VAL A 33 30.53 22.81 12.21
N TYR A 34 29.93 23.99 12.25
CA TYR A 34 30.24 24.97 13.30
C TYR A 34 29.28 26.16 13.24
N GLU A 35 28.66 26.47 14.37
CA GLU A 35 27.75 27.60 14.46
C GLU A 35 28.52 28.91 14.44
N ASP A 36 29.45 29.05 15.37
CA ASP A 36 30.28 30.25 15.46
C ASP A 36 31.74 29.82 15.44
N ASP A 37 32.19 29.21 16.54
CA ASP A 37 33.54 28.64 16.69
C ASP A 37 34.64 29.49 16.08
N LYS A 42 26.85 14.15 15.48
CA LYS A 42 26.91 14.99 16.67
C LYS A 42 25.51 15.33 17.16
N GLU A 43 25.30 15.23 18.47
CA GLU A 43 24.00 15.52 19.08
C GLU A 43 23.67 17.00 18.96
N GLU A 44 24.71 17.83 18.82
CA GLU A 44 24.53 19.28 18.70
C GLU A 44 23.77 19.63 17.43
N PHE A 45 24.27 19.13 16.30
CA PHE A 45 23.69 19.42 14.99
C PHE A 45 22.32 18.78 14.82
N LEU A 46 22.13 17.59 15.38
CA LEU A 46 20.84 16.89 15.32
C LEU A 46 19.75 17.67 16.03
N LYS A 47 20.07 18.22 17.20
CA LYS A 47 19.13 19.02 17.98
C LYS A 47 18.65 20.24 17.18
N LYS A 48 19.57 20.85 16.43
CA LYS A 48 19.25 21.98 15.55
C LYS A 48 18.41 21.55 14.36
N CYS A 49 18.72 20.38 13.79
CA CYS A 49 17.99 19.82 12.66
C CYS A 49 16.55 19.48 13.03
N LEU A 50 16.35 18.98 14.25
CA LEU A 50 15.03 18.61 14.76
C LEU A 50 14.20 19.84 15.17
N THR A 51 14.89 20.90 15.57
CA THR A 51 14.26 22.20 15.82
C THR A 51 13.58 22.70 14.55
N TYR A 52 14.26 22.52 13.43
CA TYR A 52 13.75 22.94 12.13
C TYR A 52 12.70 21.99 11.54
N ASP A 53 12.94 20.69 11.70
CA ASP A 53 12.10 19.65 11.10
C ASP A 53 11.82 18.52 12.10
N GLU A 54 10.59 18.42 12.57
CA GLU A 54 10.22 17.41 13.57
C GLU A 54 10.32 15.97 13.05
N ARG A 55 10.23 15.82 11.73
CA ARG A 55 10.29 14.50 11.10
C ARG A 55 11.71 14.18 10.61
N PHE A 56 12.69 14.96 11.06
CA PHE A 56 14.06 14.81 10.57
C PHE A 56 14.63 13.39 10.71
N LEU A 57 14.52 12.81 11.91
CA LEU A 57 15.02 11.46 12.16
C LEU A 57 14.35 10.41 11.28
N ILE A 58 13.03 10.52 11.12
CA ILE A 58 12.26 9.66 10.23
C ILE A 58 12.78 9.76 8.79
N ARG A 59 12.87 10.99 8.28
CA ARG A 59 13.39 11.26 6.93
C ARG A 59 14.84 10.81 6.77
N TYR A 60 15.67 11.06 7.80
CA TYR A 60 17.10 10.76 7.70
C TYR A 60 17.40 9.26 7.68
N LYS A 61 16.75 8.52 8.57
CA LYS A 61 16.93 7.07 8.65
C LYS A 61 16.65 6.41 7.30
N ALA A 62 15.55 6.79 6.65
CA ALA A 62 15.23 6.31 5.32
C ALA A 62 16.26 6.76 4.29
N TYR A 63 16.64 8.05 4.37
CA TYR A 63 17.60 8.66 3.44
C TYR A 63 18.97 7.99 3.51
N LYS A 64 19.51 7.84 4.72
CA LYS A 64 20.79 7.19 4.95
C LYS A 64 20.80 5.75 4.43
N GLU A 65 19.72 5.02 4.71
CA GLU A 65 19.54 3.63 4.26
C GLU A 65 19.76 3.44 2.77
N LEU A 66 19.05 4.24 1.96
CA LEU A 66 19.05 4.08 0.52
C LEU A 66 20.33 4.59 -0.15
N ARG A 67 20.81 5.74 0.33
CA ARG A 67 22.03 6.35 -0.21
C ARG A 67 23.25 5.46 0.06
N ASP A 68 23.24 4.76 1.19
CA ASP A 68 24.27 3.77 1.52
C ASP A 68 24.23 2.57 0.57
N LYS A 69 23.02 2.20 0.15
CA LYS A 69 22.81 1.05 -0.73
C LYS A 69 23.01 1.36 -2.21
N GLY A 70 23.47 2.59 -2.51
CA GLY A 70 23.77 2.98 -3.89
C GLY A 70 22.69 3.76 -4.61
N TYR A 71 21.54 3.95 -3.96
CA TYR A 71 20.46 4.76 -4.53
C TYR A 71 20.79 6.24 -4.42
N THR A 72 20.28 7.04 -5.34
CA THR A 72 20.45 8.50 -5.24
C THR A 72 19.11 9.20 -5.07
N LEU A 73 19.06 10.10 -4.09
CA LEU A 73 17.83 10.80 -3.72
C LEU A 73 17.91 12.29 -3.99
N GLY A 74 16.79 12.86 -4.42
CA GLY A 74 16.61 14.29 -4.57
C GLY A 74 15.24 14.68 -4.04
N THR A 75 15.05 15.96 -3.74
CA THR A 75 13.76 16.44 -3.23
C THR A 75 12.61 16.15 -4.20
N ALA A 76 11.43 15.91 -3.66
CA ALA A 76 10.23 15.74 -4.47
C ALA A 76 9.11 16.67 -4.00
N LEU A 77 9.51 17.76 -3.32
CA LEU A 77 8.59 18.72 -2.71
C LEU A 77 7.59 19.37 -3.69
N LYS A 78 8.04 19.67 -4.91
CA LYS A 78 7.14 20.24 -5.93
C LYS A 78 5.94 19.33 -6.22
N PHE A 79 6.08 18.04 -5.93
CA PHE A 79 4.99 17.07 -6.06
C PHE A 79 4.30 16.80 -4.73
N GLY A 80 4.92 17.23 -3.64
CA GLY A 80 4.36 17.02 -2.30
C GLY A 80 4.87 15.75 -1.62
N ALA A 81 5.96 15.21 -2.14
CA ALA A 81 6.58 14.01 -1.56
C ALA A 81 7.94 14.39 -0.97
N ASP A 82 8.45 13.56 -0.07
CA ASP A 82 9.74 13.86 0.57
C ASP A 82 10.91 13.73 -0.41
N PHE A 83 11.02 12.57 -1.07
CA PHE A 83 12.14 12.32 -1.98
C PHE A 83 11.74 11.62 -3.27
N ARG A 84 12.47 11.92 -4.34
CA ARG A 84 12.45 11.11 -5.55
C ARG A 84 13.70 10.24 -5.54
N VAL A 85 13.73 9.07 -6.07
CA VAL A 85 14.77 8.06 -5.91
C VAL A 85 15.19 7.38 -7.20
N TYR A 86 16.36 7.61 -7.72
CA TYR A 86 16.95 6.94 -8.87
C TYR A 86 17.52 5.59 -8.43
N ASP A 87 17.29 4.56 -9.25
CA ASP A 87 17.74 3.19 -8.99
C ASP A 87 19.28 3.12 -8.91
N ILE A 88 19.81 2.06 -8.30
CA ILE A 88 21.26 1.80 -8.20
C ILE A 88 21.92 1.73 -9.58
N GLY A 89 23.09 2.35 -9.71
CA GLY A 89 23.73 2.50 -11.02
C GLY A 89 22.97 3.59 -11.75
N VAL A 90 23.12 4.81 -11.24
CA VAL A 90 22.16 5.91 -11.42
C VAL A 90 21.23 6.91 -12.17
N ILE A 91 21.70 7.93 -12.91
CA ILE A 91 23.06 8.48 -12.97
C ILE A 91 22.20 9.75 -13.10
N PRO A 92 22.15 10.61 -12.05
CA PRO A 92 21.33 11.81 -12.20
C PRO A 92 22.04 12.87 -13.08
N LYS A 93 21.51 13.03 -14.30
CA LYS A 93 22.01 13.83 -15.38
C LYS A 93 21.86 13.13 -16.73
N LYS A 94 22.57 12.01 -16.90
CA LYS A 94 22.40 11.02 -17.98
C LYS A 94 22.79 11.54 -19.42
N GLY A 95 22.21 12.67 -19.87
CA GLY A 95 22.46 13.20 -21.22
C GLY A 95 21.42 14.26 -21.54
N LYS A 96 20.50 13.92 -22.44
CA LYS A 96 19.34 14.77 -22.70
C LYS A 96 18.24 14.04 -21.99
N ARG A 97 18.56 13.64 -20.75
CA ARG A 97 17.85 12.61 -20.04
C ARG A 97 18.59 11.34 -20.40
N SER A 98 17.86 10.25 -20.55
CA SER A 98 16.43 10.23 -20.28
C SER A 98 16.09 8.89 -19.64
N GLU A 99 16.89 8.52 -18.63
CA GLU A 99 16.58 7.37 -17.76
C GLU A 99 15.40 7.77 -16.87
N ARG A 100 14.25 7.94 -17.55
CA ARG A 100 12.92 8.13 -16.94
C ARG A 100 12.67 9.41 -16.11
N GLU A 101 13.67 10.30 -16.07
CA GLU A 101 13.46 11.76 -15.75
C GLU A 101 12.91 12.22 -14.41
N HIS A 102 13.81 12.35 -13.43
CA HIS A 102 13.50 12.47 -11.96
C HIS A 102 13.18 11.02 -11.48
N SER A 103 13.79 10.06 -12.18
CA SER A 103 13.26 8.72 -12.37
C SER A 103 12.94 7.84 -11.15
N LYS A 104 11.88 7.06 -11.30
CA LYS A 104 11.67 5.75 -10.66
C LYS A 104 11.15 5.42 -9.25
N TRP A 105 10.85 6.31 -8.35
CA TRP A 105 10.13 6.07 -7.11
C TRP A 105 9.97 7.47 -6.52
N VAL A 106 8.80 7.67 -5.91
CA VAL A 106 8.56 8.78 -5.01
C VAL A 106 8.53 8.20 -3.60
N LEU A 107 9.37 8.73 -2.72
CA LEU A 107 9.59 8.14 -1.40
C LEU A 107 8.93 8.92 -0.28
N TYR A 108 8.15 8.22 0.54
CA TYR A 108 7.54 8.78 1.73
C TYR A 108 8.09 8.12 3.01
N PRO A 109 9.14 8.70 3.60
CA PRO A 109 9.62 8.21 4.90
C PRO A 109 8.55 8.39 5.97
N VAL A 110 8.25 7.30 6.68
CA VAL A 110 7.12 7.28 7.59
C VAL A 110 7.46 6.43 8.82
N SER A 111 6.91 6.81 9.98
CA SER A 111 7.13 6.05 11.21
C SER A 111 6.17 4.87 11.32
N LYS A 112 6.67 3.76 11.85
CA LYS A 112 5.89 2.52 11.99
C LYS A 112 4.70 2.69 12.93
N ASP A 113 4.75 3.69 13.79
CA ASP A 113 3.69 3.95 14.76
C ASP A 113 2.79 5.13 14.38
N GLU A 114 3.11 5.80 13.29
CA GLU A 114 2.27 6.87 12.74
C GLU A 114 0.99 6.29 12.13
N THR A 115 -0.13 6.98 12.38
CA THR A 115 -1.42 6.58 11.81
C THR A 115 -1.69 7.30 10.49
N PHE A 116 -2.54 6.71 9.67
CA PHE A 116 -2.96 7.28 8.40
C PHE A 116 -4.37 6.78 8.08
N ASP A 117 -5.15 7.58 7.35
CA ASP A 117 -6.38 7.05 6.74
C ASP A 117 -6.11 6.75 5.26
N PHE A 118 -7.08 6.16 4.58
CA PHE A 118 -6.84 5.75 3.19
C PHE A 118 -7.09 6.85 2.15
N TYR A 119 -7.59 7.99 2.59
CA TYR A 119 -7.53 9.21 1.78
C TYR A 119 -6.06 9.61 1.60
N GLU A 120 -5.31 9.60 2.70
CA GLU A 120 -3.87 9.85 2.67
C GLU A 120 -3.15 8.83 1.78
N PHE A 121 -3.49 7.55 1.92
CA PHE A 121 -2.86 6.48 1.13
C PHE A 121 -3.10 6.69 -0.36
N ALA A 122 -4.36 6.88 -0.74
CA ALA A 122 -4.74 7.16 -2.12
C ALA A 122 -4.07 8.41 -2.68
N SER A 123 -3.94 9.45 -1.83
CA SER A 123 -3.29 10.69 -2.23
C SER A 123 -1.83 10.45 -2.61
N LYS A 124 -1.10 9.76 -1.73
CA LYS A 124 0.31 9.42 -1.93
C LYS A 124 0.55 8.67 -3.24
N ASN A 125 -0.34 7.75 -3.59
CA ASN A 125 -0.25 7.00 -4.84
C ASN A 125 -0.62 7.83 -6.07
N ARG A 126 -1.59 8.73 -5.91
CA ARG A 126 -2.01 9.58 -7.00
C ARG A 126 -0.90 10.53 -7.43
N VAL A 127 -0.18 11.12 -6.48
CA VAL A 127 0.94 11.98 -6.86
C VAL A 127 2.09 11.21 -7.52
N ALA A 128 2.37 10.00 -7.01
CA ALA A 128 3.34 9.11 -7.65
C ALA A 128 2.92 8.83 -9.09
N HIS A 129 1.66 8.44 -9.27
CA HIS A 129 1.10 8.19 -10.59
C HIS A 129 1.19 9.39 -11.53
N SER A 130 0.95 10.59 -10.99
CA SER A 130 1.00 11.83 -11.78
C SER A 130 2.41 12.18 -12.31
N THR A 131 3.44 11.60 -11.70
CA THR A 131 4.82 11.78 -12.15
C THR A 131 5.33 10.60 -12.96
N ARG A 132 4.45 9.62 -13.19
CA ARG A 132 4.79 8.35 -13.85
C ARG A 132 5.89 7.60 -13.09
N LYS A 133 5.76 7.58 -11.77
CA LYS A 133 6.74 6.91 -10.91
C LYS A 133 6.10 5.78 -10.13
N LYS A 134 6.79 5.31 -9.09
CA LYS A 134 6.29 4.22 -8.26
C LYS A 134 6.36 4.59 -6.78
N MET A 135 5.21 4.90 -6.19
CA MET A 135 5.13 5.25 -4.78
C MET A 135 6.00 4.33 -3.94
N LEU A 136 6.93 4.93 -3.18
CA LEU A 136 7.82 4.16 -2.33
C LEU A 136 7.62 4.49 -0.86
N MET A 137 7.03 3.55 -0.13
CA MET A 137 6.77 3.74 1.30
C MET A 137 7.86 3.07 2.14
N GLY A 138 8.52 3.85 2.98
CA GLY A 138 9.58 3.34 3.83
C GLY A 138 9.25 3.43 5.31
N ILE A 139 8.71 2.35 5.86
CA ILE A 139 8.37 2.30 7.28
C ILE A 139 9.63 2.27 8.14
N VAL A 140 9.70 3.18 9.11
CA VAL A 140 10.86 3.26 10.01
C VAL A 140 10.55 2.87 11.45
N SER A 141 11.42 2.05 12.03
CA SER A 141 11.35 1.64 13.45
C SER A 141 12.80 1.21 13.69
N ASP A 142 13.02 0.32 14.66
CA ASP A 142 14.30 -0.37 14.81
C ASP A 142 14.94 -0.81 13.50
N LYS A 143 14.09 -1.26 12.59
CA LYS A 143 14.46 -1.70 11.24
C LYS A 143 13.76 -0.75 10.27
N ILE A 144 14.12 -0.83 8.99
CA ILE A 144 13.41 -0.07 7.95
C ILE A 144 13.03 -0.99 6.80
N GLU A 145 11.74 -0.99 6.46
CA GLU A 145 11.22 -1.78 5.34
C GLU A 145 10.64 -0.88 4.26
N PHE A 146 11.01 -1.18 3.01
CA PHE A 146 10.56 -0.38 1.85
C PHE A 146 9.51 -1.11 1.02
N ILE A 147 8.33 -0.50 0.93
CA ILE A 147 7.19 -1.09 0.21
C ILE A 147 6.86 -0.28 -1.03
N GLU A 148 6.93 -0.93 -2.19
CA GLU A 148 6.57 -0.33 -3.46
C GLU A 148 5.12 -0.65 -3.78
N VAL A 149 4.33 0.40 -4.00
CA VAL A 149 2.91 0.24 -4.32
C VAL A 149 2.63 0.55 -5.78
N SER A 150 1.94 -0.36 -6.45
CA SER A 150 1.60 -0.18 -7.86
C SER A 150 0.09 -0.08 -8.06
N TRP A 151 -0.33 0.83 -8.91
CA TRP A 151 -1.75 1.03 -9.18
C TRP A 151 -2.27 0.03 -10.21
N LYS A 152 -2.89 -1.03 -9.72
CA LYS A 152 -3.43 -2.07 -10.59
C LYS A 152 -4.72 -1.62 -11.23
N LYS A 153 -5.02 -2.18 -12.40
CA LYS A 153 -6.25 -1.83 -13.13
C LYS A 153 -7.10 -2.95 -13.75
N PRO A 154 -7.67 -3.84 -12.92
CA PRO A 154 -7.18 -4.63 -11.80
C PRO A 154 -7.20 -6.11 -12.24
N MET B 1 -22.85 -18.92 5.80
CA MET B 1 -24.10 -19.72 5.62
C MET B 1 -23.89 -20.95 4.75
N ASN B 2 -24.76 -21.94 4.92
CA ASN B 2 -24.61 -23.22 4.20
C ASN B 2 -25.80 -23.50 3.28
N LEU B 3 -25.54 -23.43 1.97
CA LEU B 3 -26.60 -23.58 0.98
C LEU B 3 -26.43 -24.87 0.19
N ARG B 4 -27.51 -25.65 0.11
CA ARG B 4 -27.54 -26.83 -0.74
C ARG B 4 -27.94 -26.44 -2.15
N ILE B 5 -26.94 -25.99 -2.92
CA ILE B 5 -27.14 -25.47 -4.27
C ILE B 5 -25.87 -25.76 -5.11
N PRO B 6 -26.02 -26.05 -6.41
CA PRO B 6 -24.85 -26.13 -7.28
C PRO B 6 -23.96 -24.90 -7.19
N TRP B 7 -22.65 -25.13 -7.15
CA TRP B 7 -21.64 -24.08 -6.97
C TRP B 7 -21.61 -23.04 -8.08
N LYS B 8 -21.79 -23.51 -9.31
CA LYS B 8 -21.84 -22.64 -10.49
C LYS B 8 -22.98 -21.63 -10.40
N GLU B 9 -24.03 -21.98 -9.68
CA GLU B 9 -25.21 -21.12 -9.55
C GLU B 9 -25.08 -20.05 -8.46
N VAL B 10 -23.96 -20.05 -7.74
CA VAL B 10 -23.64 -18.96 -6.82
C VAL B 10 -22.32 -18.25 -7.23
N TYR B 11 -22.05 -18.26 -8.53
CA TYR B 11 -20.91 -17.59 -9.17
C TYR B 11 -19.55 -18.16 -8.71
N TYR B 12 -19.57 -19.41 -8.24
CA TYR B 12 -18.43 -20.06 -7.60
C TYR B 12 -17.85 -19.26 -6.42
N LEU B 13 -18.70 -18.48 -5.76
CA LEU B 13 -18.33 -17.81 -4.52
C LEU B 13 -18.35 -18.82 -3.38
N GLY B 14 -17.66 -18.49 -2.28
CA GLY B 14 -17.61 -19.36 -1.13
C GLY B 14 -16.82 -20.64 -1.37
N TYR B 15 -17.10 -21.66 -0.57
CA TYR B 15 -16.36 -22.93 -0.62
C TYR B 15 -17.30 -24.08 -0.92
N ASN B 16 -16.94 -24.86 -1.92
CA ASN B 16 -17.68 -26.09 -2.22
C ASN B 16 -17.30 -27.19 -1.22
N MET B 17 -18.23 -27.54 -0.36
CA MET B 17 -17.96 -28.51 0.70
C MET B 17 -18.34 -29.94 0.28
N GLY B 18 -18.76 -30.10 -0.97
CA GLY B 18 -19.18 -31.40 -1.48
C GLY B 18 -20.69 -31.48 -1.56
N ASN B 19 -21.34 -31.59 -0.41
CA ASN B 19 -22.80 -31.65 -0.33
C ASN B 19 -23.51 -30.28 -0.24
N TYR B 20 -22.73 -29.23 0.01
CA TYR B 20 -23.28 -27.88 0.15
C TYR B 20 -22.20 -26.83 -0.09
N ILE B 21 -22.62 -25.57 -0.20
CA ILE B 21 -21.70 -24.46 -0.34
C ILE B 21 -21.68 -23.63 0.93
N LYS B 22 -20.48 -23.38 1.46
CA LYS B 22 -20.28 -22.48 2.58
C LYS B 22 -19.93 -21.08 2.06
N ILE B 23 -20.87 -20.15 2.20
CA ILE B 23 -20.75 -18.81 1.62
C ILE B 23 -21.01 -17.71 2.65
N SER B 24 -20.20 -16.65 2.60
CA SER B 24 -20.31 -15.52 3.52
C SER B 24 -21.44 -14.58 3.10
N GLU B 25 -21.90 -13.77 4.05
CA GLU B 25 -22.99 -12.81 3.83
C GLU B 25 -22.74 -11.76 2.74
N PRO B 26 -21.54 -11.11 2.73
CA PRO B 26 -21.28 -10.15 1.65
C PRO B 26 -21.23 -10.77 0.25
N GLU B 27 -20.75 -12.00 0.13
CA GLU B 27 -20.80 -12.77 -1.13
C GLU B 27 -22.24 -13.12 -1.49
N LEU B 28 -23.03 -13.53 -0.49
CA LEU B 28 -24.43 -13.92 -0.70
C LEU B 28 -25.29 -12.73 -1.13
N LEU B 29 -24.98 -11.54 -0.61
CA LEU B 29 -25.69 -10.33 -0.98
C LEU B 29 -25.58 -10.13 -2.50
N PHE B 30 -24.39 -10.36 -3.04
CA PHE B 30 -24.17 -10.24 -4.48
C PHE B 30 -25.03 -11.21 -5.28
N VAL B 31 -25.01 -12.49 -4.89
CA VAL B 31 -25.82 -13.49 -5.59
C VAL B 31 -27.33 -13.22 -5.47
N LEU B 32 -27.80 -12.80 -4.30
CA LEU B 32 -29.22 -12.45 -4.12
C LEU B 32 -29.67 -11.26 -4.97
N ARG B 33 -28.78 -10.30 -5.19
CA ARG B 33 -29.10 -9.10 -5.95
C ARG B 33 -29.06 -9.32 -7.46
N ASN B 34 -28.20 -10.22 -7.90
CA ASN B 34 -28.02 -10.48 -9.32
C ASN B 34 -28.67 -11.76 -9.83
N LYS B 35 -28.98 -12.67 -8.92
CA LYS B 35 -29.80 -13.86 -9.21
C LYS B 35 -31.00 -13.93 -8.28
N PRO B 36 -32.01 -13.05 -8.47
CA PRO B 36 -33.12 -12.97 -7.53
C PRO B 36 -33.95 -14.26 -7.41
N GLN B 37 -33.86 -15.14 -8.40
CA GLN B 37 -34.53 -16.46 -8.35
C GLN B 37 -34.11 -17.27 -7.13
N ILE B 38 -32.87 -17.04 -6.66
CA ILE B 38 -32.32 -17.74 -5.51
C ILE B 38 -33.08 -17.45 -4.22
N LYS B 39 -33.63 -16.24 -4.10
CA LYS B 39 -34.37 -15.84 -2.92
C LYS B 39 -35.46 -16.85 -2.56
N ASP B 40 -36.37 -17.10 -3.50
CA ASP B 40 -37.48 -18.03 -3.29
C ASP B 40 -37.01 -19.49 -3.31
N ARG B 41 -36.02 -19.79 -4.14
CA ARG B 41 -35.48 -21.14 -4.27
C ARG B 41 -34.87 -21.63 -2.96
N LEU B 42 -34.03 -20.79 -2.34
CA LEU B 42 -33.31 -21.15 -1.12
C LEU B 42 -33.86 -20.46 0.13
N LYS B 43 -34.90 -19.64 -0.06
CA LYS B 43 -35.61 -18.95 1.02
C LYS B 43 -34.68 -18.07 1.87
N LEU B 44 -34.10 -17.05 1.22
CA LEU B 44 -33.24 -16.07 1.89
C LEU B 44 -33.71 -14.64 1.65
N ASP B 45 -33.46 -13.77 2.62
CA ASP B 45 -33.90 -12.39 2.61
C ASP B 45 -32.71 -11.43 2.52
N GLU B 46 -32.81 -10.44 1.64
CA GLU B 46 -31.73 -9.48 1.40
C GLU B 46 -31.36 -8.68 2.65
N LYS B 47 -32.37 -8.15 3.34
CA LYS B 47 -32.17 -7.29 4.51
C LYS B 47 -31.61 -8.05 5.71
N THR B 48 -32.03 -9.31 5.84
CA THR B 48 -31.60 -10.18 6.92
C THR B 48 -30.11 -10.50 6.81
N ILE B 49 -29.68 -10.75 5.58
CA ILE B 49 -28.31 -11.11 5.29
C ILE B 49 -27.36 -9.92 5.48
N ILE B 50 -27.84 -8.71 5.17
CA ILE B 50 -27.11 -7.49 5.48
C ILE B 50 -26.94 -7.34 7.00
N LYS B 51 -28.02 -7.55 7.74
CA LYS B 51 -28.01 -7.44 9.20
C LYS B 51 -26.99 -8.39 9.83
N GLU B 52 -27.00 -9.66 9.42
CA GLU B 52 -26.05 -10.65 9.93
C GLU B 52 -24.63 -10.32 9.50
N GLY B 53 -24.49 -9.83 8.27
CA GLY B 53 -23.21 -9.47 7.71
C GLY B 53 -22.50 -8.32 8.40
N VAL B 54 -23.21 -7.23 8.66
CA VAL B 54 -22.59 -6.04 9.27
C VAL B 54 -22.20 -6.22 10.75
N LYS B 55 -22.76 -7.23 11.41
CA LYS B 55 -22.31 -7.54 12.76
C LYS B 55 -21.17 -8.56 12.76
N LYS B 56 -21.05 -9.31 11.66
CA LYS B 56 -19.97 -10.27 11.50
C LYS B 56 -18.67 -9.60 11.02
N TYR B 57 -18.79 -8.70 10.05
CA TYR B 57 -17.64 -8.04 9.41
C TYR B 57 -17.79 -6.53 9.44
N LYS B 58 -16.69 -5.78 9.50
CA LYS B 58 -16.87 -4.35 9.77
C LYS B 58 -16.87 -3.15 8.77
N ASN B 59 -16.77 -3.27 7.43
CA ASN B 59 -15.85 -4.10 6.61
C ASN B 59 -16.69 -4.84 5.55
N PHE B 60 -17.94 -5.10 5.94
CA PHE B 60 -18.94 -5.83 5.15
C PHE B 60 -19.21 -5.23 3.78
N TRP B 61 -19.52 -3.93 3.73
CA TRP B 61 -19.85 -3.27 2.47
C TRP B 61 -18.66 -3.26 1.51
N GLU B 62 -17.46 -3.11 2.08
CA GLU B 62 -16.23 -3.09 1.30
C GLU B 62 -15.90 -4.47 0.70
N ILE B 63 -16.18 -5.53 1.44
CA ILE B 63 -16.07 -6.91 0.91
C ILE B 63 -17.10 -7.09 -0.20
N TYR B 64 -18.37 -6.77 0.10
CA TYR B 64 -19.43 -6.83 -0.90
C TYR B 64 -19.04 -6.12 -2.20
N TYR B 65 -18.70 -4.83 -2.09
CA TYR B 65 -18.36 -4.01 -3.26
C TYR B 65 -17.15 -4.53 -4.02
N THR B 66 -16.15 -5.06 -3.31
CA THR B 66 -14.95 -5.61 -3.95
C THR B 66 -15.26 -6.94 -4.66
N VAL B 67 -16.00 -7.83 -3.98
CA VAL B 67 -16.50 -9.06 -4.60
C VAL B 67 -17.28 -8.74 -5.88
N LYS B 68 -18.16 -7.75 -5.78
CA LYS B 68 -19.04 -7.34 -6.87
C LYS B 68 -18.23 -6.82 -8.07
N ASP B 69 -17.29 -5.92 -7.79
CA ASP B 69 -16.41 -5.36 -8.82
C ASP B 69 -15.64 -6.44 -9.56
N LEU B 70 -15.05 -7.38 -8.81
CA LEU B 70 -14.22 -8.42 -9.43
C LEU B 70 -15.01 -9.45 -10.24
N ILE B 71 -16.17 -9.91 -9.73
CA ILE B 71 -17.01 -10.82 -10.53
C ILE B 71 -17.54 -10.14 -11.81
N LEU B 72 -17.96 -8.89 -11.71
CA LEU B 72 -18.49 -8.16 -12.86
C LEU B 72 -17.41 -7.82 -13.91
N ARG B 73 -16.14 -7.88 -13.51
CA ARG B 73 -15.01 -7.73 -14.44
C ARG B 73 -14.60 -9.05 -15.10
N GLY B 74 -15.23 -10.15 -14.68
CA GLY B 74 -15.02 -11.45 -15.30
C GLY B 74 -14.09 -12.38 -14.56
N TYR B 75 -13.71 -12.01 -13.34
CA TYR B 75 -12.87 -12.85 -12.49
C TYR B 75 -13.72 -13.80 -11.64
N ARG B 76 -13.05 -14.73 -10.97
CA ARG B 76 -13.68 -15.59 -9.97
C ARG B 76 -13.02 -15.32 -8.61
N VAL B 77 -13.83 -15.15 -7.57
CA VAL B 77 -13.31 -14.82 -6.24
C VAL B 77 -13.95 -15.62 -5.11
N ARG B 78 -13.30 -15.60 -3.95
CA ARG B 78 -13.97 -15.99 -2.72
C ARG B 78 -13.39 -15.31 -1.50
N PHE B 79 -14.25 -15.07 -0.52
CA PHE B 79 -13.85 -14.46 0.72
C PHE B 79 -13.42 -15.55 1.69
N ASP B 80 -12.19 -15.43 2.20
CA ASP B 80 -11.65 -16.45 3.10
C ASP B 80 -11.85 -16.13 4.58
N GLY B 81 -12.57 -15.05 4.86
CA GLY B 81 -12.78 -14.60 6.23
C GLY B 81 -11.95 -13.36 6.58
N PHE B 82 -10.86 -13.18 5.84
CA PHE B 82 -10.00 -12.01 6.02
C PHE B 82 -9.68 -11.36 4.67
N PHE B 83 -9.10 -12.15 3.75
CA PHE B 83 -8.82 -11.69 2.40
C PHE B 83 -9.87 -12.16 1.41
N ILE B 84 -9.95 -11.46 0.29
CA ILE B 84 -10.61 -11.98 -0.90
C ILE B 84 -9.54 -12.63 -1.74
N GLU B 85 -9.74 -13.92 -2.04
CA GLU B 85 -8.86 -14.62 -2.94
C GLU B 85 -9.28 -14.28 -4.36
N LEU B 86 -8.33 -13.81 -5.16
CA LEU B 86 -8.61 -13.45 -6.54
C LEU B 86 -7.94 -14.41 -7.52
N TYR B 87 -8.73 -15.00 -8.40
CA TYR B 87 -8.24 -15.97 -9.39
C TYR B 87 -8.26 -15.36 -10.80
N GLU B 88 -7.29 -15.75 -11.62
CA GLU B 88 -7.22 -15.24 -13.01
C GLU B 88 -8.46 -15.64 -13.82
N LYS B 89 -8.75 -14.87 -14.88
CA LYS B 89 -9.94 -15.07 -15.70
C LYS B 89 -10.01 -16.47 -16.29
N GLY B 90 -11.16 -17.12 -16.11
CA GLY B 90 -11.38 -18.45 -16.67
C GLY B 90 -11.46 -19.55 -15.63
N ILE B 91 -10.58 -19.51 -14.64
CA ILE B 91 -10.43 -20.61 -13.69
C ILE B 91 -11.37 -20.54 -12.48
N ILE B 92 -11.69 -21.71 -11.94
CA ILE B 92 -12.59 -21.85 -10.79
C ILE B 92 -11.81 -21.97 -9.46
N PRO B 93 -12.26 -21.26 -8.40
CA PRO B 93 -11.54 -21.20 -7.12
C PRO B 93 -11.18 -22.57 -6.54
N GLY B 94 -9.95 -22.70 -6.05
CA GLY B 94 -9.47 -23.94 -5.44
C GLY B 94 -8.72 -24.87 -6.38
N THR B 95 -8.92 -24.68 -7.67
CA THR B 95 -8.25 -25.49 -8.71
C THR B 95 -6.73 -25.35 -8.61
N ILE B 96 -6.27 -24.12 -8.50
CA ILE B 96 -4.86 -23.79 -8.27
C ILE B 96 -4.77 -22.73 -7.18
N GLU B 97 -3.57 -22.21 -6.94
CA GLU B 97 -3.39 -21.07 -6.04
C GLU B 97 -4.01 -19.82 -6.66
N GLN B 98 -4.50 -18.93 -5.82
CA GLN B 98 -5.01 -17.64 -6.26
C GLN B 98 -3.87 -16.75 -6.76
N ASP B 99 -4.20 -15.82 -7.67
CA ASP B 99 -3.23 -14.84 -8.14
C ASP B 99 -2.93 -13.80 -7.06
N TYR B 100 -3.98 -13.30 -6.41
CA TYR B 100 -3.83 -12.27 -5.39
C TYR B 100 -4.67 -12.56 -4.15
N LEU B 101 -4.20 -12.07 -3.01
CA LEU B 101 -5.04 -11.88 -1.84
C LEU B 101 -5.30 -10.39 -1.71
N VAL B 102 -6.57 -10.02 -1.71
CA VAL B 102 -6.97 -8.63 -1.64
C VAL B 102 -7.70 -8.28 -0.35
N TYR B 103 -7.27 -7.18 0.26
CA TYR B 103 -7.85 -6.68 1.49
C TYR B 103 -8.65 -5.41 1.21
N PRO B 104 -9.98 -5.46 1.43
CA PRO B 104 -10.82 -4.29 1.15
C PRO B 104 -10.98 -3.33 2.33
N VAL B 105 -10.82 -2.03 2.05
CA VAL B 105 -10.98 -0.97 3.05
C VAL B 105 -11.76 0.22 2.51
N SER B 106 -12.32 1.01 3.42
CA SER B 106 -12.93 2.28 3.05
C SER B 106 -11.92 3.41 3.31
N GLY B 107 -12.20 4.59 2.78
CA GLY B 107 -11.33 5.76 2.97
C GLY B 107 -11.16 6.20 4.41
N GLU B 108 -12.22 6.08 5.20
CA GLU B 108 -12.27 6.61 6.56
C GLU B 108 -11.47 5.79 7.57
N ILE B 109 -11.15 4.54 7.23
CA ILE B 109 -10.42 3.63 8.13
C ILE B 109 -9.05 4.23 8.49
N ARG B 110 -8.79 4.32 9.79
CA ARG B 110 -7.51 4.84 10.28
C ARG B 110 -6.66 3.72 10.85
N MET B 111 -5.41 3.66 10.41
CA MET B 111 -4.53 2.54 10.67
C MET B 111 -3.11 3.03 10.89
N THR B 112 -2.34 2.25 11.63
CA THR B 112 -0.91 2.47 11.79
C THR B 112 -0.18 1.88 10.58
N TRP B 113 0.96 2.46 10.19
CA TRP B 113 1.74 1.93 9.07
C TRP B 113 2.27 0.51 9.35
N GLY B 114 2.66 0.26 10.60
CA GLY B 114 3.09 -1.07 11.03
C GLY B 114 1.97 -2.11 10.95
N GLU B 115 0.74 -1.66 11.17
CA GLU B 115 -0.46 -2.51 11.06
C GLU B 115 -0.77 -2.86 9.60
N LEU B 116 -0.55 -1.91 8.70
CA LEU B 116 -0.72 -2.18 7.27
C LEU B 116 0.32 -3.20 6.80
N LEU B 117 1.54 -3.09 7.31
CA LEU B 117 2.60 -4.00 6.95
C LEU B 117 2.31 -5.42 7.46
N ASP B 118 1.77 -5.52 8.67
CA ASP B 118 1.32 -6.80 9.23
C ASP B 118 0.32 -7.53 8.31
N ILE B 119 -0.65 -6.78 7.81
CA ILE B 119 -1.64 -7.29 6.87
C ILE B 119 -0.97 -7.80 5.60
N TYR B 120 -0.02 -7.02 5.09
CA TYR B 120 0.74 -7.40 3.90
C TYR B 120 1.62 -8.61 4.16
N ASN B 121 2.24 -8.65 5.33
CA ASN B 121 3.08 -9.78 5.74
C ASN B 121 2.29 -11.08 5.86
N LYS B 122 1.01 -10.94 6.22
CA LYS B 122 0.09 -12.06 6.32
C LYS B 122 -0.15 -12.73 4.95
N ALA B 123 -0.25 -11.92 3.89
CA ALA B 123 -0.35 -12.44 2.53
C ALA B 123 0.97 -13.06 2.05
N ILE B 124 2.10 -12.46 2.44
CA ILE B 124 3.44 -12.98 2.13
C ILE B 124 3.69 -14.35 2.77
N ALA B 125 3.25 -14.51 4.02
CA ALA B 125 3.33 -15.79 4.71
C ALA B 125 2.50 -16.87 4.01
N ARG B 126 1.44 -16.46 3.31
CA ARG B 126 0.64 -17.37 2.48
C ARG B 126 1.27 -17.58 1.10
N LYS B 127 2.47 -17.03 0.90
CA LYS B 127 3.23 -17.15 -0.37
C LYS B 127 2.46 -16.61 -1.58
N SER B 128 1.75 -15.50 -1.38
CA SER B 128 0.88 -14.93 -2.41
C SER B 128 1.12 -13.43 -2.60
N LYS B 129 0.79 -12.94 -3.79
CA LYS B 129 0.79 -11.50 -4.06
C LYS B 129 -0.34 -10.81 -3.31
N PHE B 130 -0.10 -9.55 -2.93
CA PHE B 130 -1.06 -8.78 -2.16
C PHE B 130 -1.55 -7.55 -2.92
N MET B 131 -2.83 -7.26 -2.74
CA MET B 131 -3.45 -6.10 -3.35
C MET B 131 -4.39 -5.45 -2.35
N LEU B 132 -4.22 -4.16 -2.15
CA LEU B 132 -5.15 -3.37 -1.34
C LEU B 132 -6.29 -2.88 -2.22
N ALA B 133 -7.51 -3.00 -1.73
CA ALA B 133 -8.69 -2.48 -2.44
C ALA B 133 -9.35 -1.38 -1.61
N ILE B 134 -9.36 -0.17 -2.15
CA ILE B 134 -10.00 0.97 -1.47
C ILE B 134 -11.33 1.23 -2.15
N VAL B 135 -12.42 1.16 -1.39
CA VAL B 135 -13.76 1.31 -1.95
C VAL B 135 -14.42 2.62 -1.49
N ASP B 136 -14.84 3.43 -2.45
CA ASP B 136 -15.42 4.73 -2.11
C ASP B 136 -16.89 4.63 -1.69
N SER B 137 -17.47 5.79 -1.37
CA SER B 137 -18.84 5.91 -0.87
C SER B 137 -19.92 5.58 -1.91
N GLU B 138 -19.52 5.53 -3.18
CA GLU B 138 -20.42 5.08 -4.25
C GLU B 138 -20.22 3.58 -4.54
N GLY B 139 -19.27 2.99 -3.85
CA GLY B 139 -18.99 1.56 -3.99
C GLY B 139 -18.05 1.20 -5.12
N ASP B 140 -17.40 2.21 -5.71
CA ASP B 140 -16.37 1.99 -6.72
C ASP B 140 -15.04 1.66 -6.05
N VAL B 141 -14.24 0.83 -6.71
CA VAL B 141 -13.03 0.28 -6.10
C VAL B 141 -11.76 0.64 -6.87
N THR B 142 -10.70 0.97 -6.13
CA THR B 142 -9.37 1.09 -6.70
C THR B 142 -8.35 0.18 -6.00
N TYR B 143 -7.47 -0.41 -6.81
CA TYR B 143 -6.58 -1.49 -6.38
C TYR B 143 -5.11 -1.09 -6.44
N TYR B 144 -4.36 -1.52 -5.43
CA TYR B 144 -2.95 -1.18 -5.30
C TYR B 144 -2.17 -2.45 -4.91
N GLU B 145 -1.23 -2.85 -5.76
CA GLU B 145 -0.38 -4.01 -5.47
C GLU B 145 0.87 -3.62 -4.67
N PHE B 146 1.21 -4.43 -3.68
CA PHE B 146 2.36 -4.18 -2.81
C PHE B 146 3.54 -5.08 -3.20
N ARG B 147 4.75 -4.52 -3.22
CA ARG B 147 5.97 -5.31 -3.30
C ARG B 147 7.02 -4.81 -2.32
N LYS B 148 7.84 -5.72 -1.80
CA LYS B 148 9.00 -5.34 -1.01
C LYS B 148 10.09 -4.91 -1.97
N LEU B 149 10.79 -3.84 -1.66
CA LEU B 149 11.91 -3.42 -2.49
C LEU B 149 13.19 -4.08 -2.00
N ARG B 150 13.87 -4.78 -2.92
CA ARG B 150 15.21 -5.34 -2.68
C ARG B 150 15.78 -5.96 -3.95
N SER B 151 16.99 -5.53 -4.33
CA SER B 151 17.65 -6.04 -5.55
C SER B 151 18.26 -7.47 -5.43
N ASN B 152 19.29 -7.69 -4.61
CA ASN B 152 19.94 -6.67 -3.78
C ASN B 152 21.37 -6.39 -4.22
#